data_4DQ7
#
_entry.id   4DQ7
#
_cell.length_a   62.120
_cell.length_b   68.722
_cell.length_c   89.893
_cell.angle_alpha   90.00
_cell.angle_beta   90.00
_cell.angle_gamma   90.00
#
_symmetry.space_group_name_H-M   'P 21 21 21'
#
loop_
_entity.id
_entity.type
_entity.pdbx_description
1 polymer 'Membrane protein Phi6 P5'
2 water water
#
_entity_poly.entity_id   1
_entity_poly.type   'polypeptide(L)'
_entity_poly.pdbx_seq_one_letter_code
;LQALLPKAQSVGNSRVRFTTAEVDSAVARISQKIGVPASYYQFLIPIENFVVAGGFETTVSGSFRGLGQFNRQTWDGLRR
LGRNLPAFEEGSAQLNASLYAIGFLYLENKRAYEASFKGRVFTHEIAYLYHNQGAPAAEQYLTSGRLVYPKQSEAAVAAF
AAARNQHVKESWA
;
_entity_poly.pdbx_strand_id   A,B
#
# COMPACT_ATOMS: atom_id res chain seq x y z
N LEU A 1 -29.42 -17.89 -0.08
CA LEU A 1 -28.64 -18.50 -1.16
C LEU A 1 -27.53 -17.54 -1.51
N GLN A 2 -26.29 -18.00 -1.42
CA GLN A 2 -25.15 -17.14 -1.69
C GLN A 2 -24.94 -17.06 -3.21
N ALA A 3 -24.75 -15.85 -3.72
CA ALA A 3 -24.47 -15.66 -5.13
C ALA A 3 -23.09 -16.23 -5.44
N LEU A 4 -22.98 -16.93 -6.56
CA LEU A 4 -21.71 -17.50 -6.97
C LEU A 4 -20.84 -16.46 -7.66
N LEU A 5 -19.62 -16.31 -7.17
CA LEU A 5 -18.64 -15.45 -7.85
C LEU A 5 -17.61 -16.32 -8.56
N PRO A 6 -17.26 -15.93 -9.80
CA PRO A 6 -16.41 -16.74 -10.70
C PRO A 6 -15.11 -17.24 -10.05
N LYS A 7 -14.52 -16.45 -9.16
CA LYS A 7 -13.27 -16.84 -8.53
C LYS A 7 -13.50 -17.83 -7.41
N ASN A 13 -11.61 -23.64 0.52
CA ASN A 13 -12.18 -24.80 1.19
C ASN A 13 -12.40 -24.55 2.68
N SER A 14 -11.37 -24.06 3.36
CA SER A 14 -11.39 -23.96 4.81
C SER A 14 -12.16 -22.75 5.31
N ARG A 15 -13.01 -22.96 6.30
CA ARG A 15 -13.76 -21.89 6.94
C ARG A 15 -13.70 -22.00 8.44
N VAL A 16 -13.89 -20.85 9.09
CA VAL A 16 -14.06 -20.79 10.52
C VAL A 16 -15.39 -20.11 10.80
N ARG A 17 -16.08 -20.55 11.84
CA ARG A 17 -17.38 -20.01 12.18
C ARG A 17 -17.26 -19.29 13.50
N PHE A 18 -17.83 -18.10 13.54
CA PHE A 18 -17.98 -17.36 14.79
C PHE A 18 -19.45 -17.03 14.96
N THR A 19 -19.82 -17.07 16.22
CA THR A 19 -21.13 -16.68 16.59
C THR A 19 -21.22 -15.18 16.65
N THR A 20 -22.42 -14.83 16.47
CA THR A 20 -22.78 -13.42 16.43
C THR A 20 -22.47 -12.74 17.76
N ALA A 21 -22.89 -13.38 18.79
CA ALA A 21 -22.62 -12.86 20.13
C ALA A 21 -21.13 -12.71 20.43
N GLU A 22 -20.29 -13.64 19.98
CA GLU A 22 -18.87 -13.55 20.29
C GLU A 22 -18.23 -12.47 19.43
N VAL A 23 -18.72 -12.31 18.20
CA VAL A 23 -18.26 -11.21 17.36
C VAL A 23 -18.68 -9.88 17.99
N ASP A 24 -19.95 -9.77 18.36
CA ASP A 24 -20.46 -8.55 18.97
C ASP A 24 -19.71 -8.16 20.24
N SER A 25 -19.46 -9.14 21.10
CA SER A 25 -18.74 -8.88 22.34
C SER A 25 -17.33 -8.37 22.05
N ALA A 26 -16.63 -9.04 21.13
CA ALA A 26 -15.27 -8.68 20.79
C ALA A 26 -15.21 -7.32 20.10
N VAL A 27 -16.16 -7.04 19.20
CA VAL A 27 -16.22 -5.74 18.53
C VAL A 27 -16.44 -4.63 19.55
N ALA A 28 -17.38 -4.82 20.47
CA ALA A 28 -17.67 -3.79 21.46
C ALA A 28 -16.41 -3.45 22.27
N ARG A 29 -15.68 -4.47 22.67
CA ARG A 29 -14.47 -4.31 23.47
CA ARG A 29 -14.47 -4.29 23.47
C ARG A 29 -13.35 -3.64 22.67
N ILE A 30 -13.07 -4.17 21.50
CA ILE A 30 -11.93 -3.73 20.73
C ILE A 30 -12.15 -2.34 20.14
N SER A 31 -13.35 -2.09 19.64
CA SER A 31 -13.67 -0.79 19.06
C SER A 31 -13.45 0.32 20.08
N GLN A 32 -13.83 0.07 21.32
CA GLN A 32 -13.68 1.07 22.38
C GLN A 32 -12.21 1.31 22.68
N LYS A 33 -11.45 0.22 22.71
CA LYS A 33 -10.05 0.25 23.08
C LYS A 33 -9.22 1.05 22.09
N ILE A 34 -9.47 0.86 20.80
CA ILE A 34 -8.62 1.46 19.77
C ILE A 34 -9.25 2.67 19.08
N GLY A 35 -10.49 2.99 19.41
CA GLY A 35 -11.10 4.23 18.93
C GLY A 35 -11.58 4.16 17.48
N VAL A 36 -12.16 3.02 17.11
CA VAL A 36 -12.79 2.85 15.81
C VAL A 36 -14.27 2.60 16.05
N PRO A 37 -15.15 3.23 15.27
CA PRO A 37 -16.58 3.04 15.56
C PRO A 37 -17.04 1.59 15.41
N ALA A 38 -17.81 1.10 16.37
CA ALA A 38 -18.34 -0.26 16.29
C ALA A 38 -19.20 -0.42 15.05
N SER A 39 -19.86 0.65 14.63
CA SER A 39 -20.71 0.60 13.45
C SER A 39 -19.92 0.29 12.18
N TYR A 40 -18.63 0.58 12.16
CA TYR A 40 -17.83 0.24 10.99
C TYR A 40 -17.66 -1.28 10.89
N TYR A 41 -17.45 -1.94 12.02
CA TYR A 41 -17.35 -3.39 12.04
C TYR A 41 -18.67 -4.01 11.63
N GLN A 42 -19.77 -3.45 12.11
CA GLN A 42 -21.08 -3.98 11.77
C GLN A 42 -21.37 -3.80 10.28
N PHE A 43 -20.84 -2.75 9.68
CA PHE A 43 -20.96 -2.56 8.24
C PHE A 43 -20.12 -3.57 7.47
N LEU A 44 -18.86 -3.72 7.86
CA LEU A 44 -17.89 -4.48 7.08
CA LEU A 44 -17.85 -4.48 7.12
C LEU A 44 -18.06 -5.99 7.17
N ILE A 45 -18.30 -6.49 8.37
CA ILE A 45 -18.30 -7.94 8.57
C ILE A 45 -19.30 -8.68 7.68
N PRO A 46 -20.54 -8.19 7.61
CA PRO A 46 -21.51 -8.91 6.76
C PRO A 46 -21.23 -8.84 5.24
N ILE A 47 -20.51 -7.83 4.79
CA ILE A 47 -20.17 -7.72 3.37
C ILE A 47 -19.08 -8.71 2.99
N GLU A 48 -18.11 -8.88 3.88
CA GLU A 48 -16.90 -9.64 3.57
C GLU A 48 -17.07 -11.14 3.84
N ASN A 49 -18.08 -11.50 4.63
CA ASN A 49 -18.20 -12.87 5.13
C ASN A 49 -19.59 -13.45 4.89
N PHE A 50 -19.70 -14.75 5.10
CA PHE A 50 -20.97 -15.43 4.91
C PHE A 50 -21.81 -15.31 6.15
N VAL A 51 -23.01 -14.75 6.02
CA VAL A 51 -23.93 -14.69 7.13
C VAL A 51 -24.73 -15.98 7.12
N VAL A 52 -24.62 -16.74 8.20
CA VAL A 52 -25.25 -18.05 8.28
C VAL A 52 -26.11 -18.08 9.53
N ALA A 53 -26.90 -19.13 9.70
CA ALA A 53 -27.70 -19.26 10.89
C ALA A 53 -26.79 -19.31 12.11
N GLY A 54 -26.91 -18.31 12.99
CA GLY A 54 -26.17 -18.32 14.23
C GLY A 54 -24.88 -17.51 14.26
N GLY A 55 -24.50 -16.91 13.14
CA GLY A 55 -23.29 -16.12 13.13
C GLY A 55 -22.72 -15.84 11.76
N PHE A 56 -21.41 -15.97 11.66
CA PHE A 56 -20.69 -15.67 10.43
C PHE A 56 -19.70 -16.78 10.16
N GLU A 57 -19.53 -17.11 8.88
CA GLU A 57 -18.45 -17.98 8.49
C GLU A 57 -17.52 -17.21 7.59
N THR A 58 -16.23 -17.47 7.74
CA THR A 58 -15.21 -16.72 7.05
C THR A 58 -14.22 -17.70 6.46
N THR A 59 -13.82 -17.44 5.21
CA THR A 59 -12.85 -18.29 4.54
CA THR A 59 -12.85 -18.25 4.51
C THR A 59 -11.45 -17.97 5.05
N VAL A 60 -10.70 -19.02 5.36
CA VAL A 60 -9.35 -18.87 5.90
C VAL A 60 -8.32 -19.62 5.07
N SER A 61 -8.66 -19.90 3.83
CA SER A 61 -7.73 -20.47 2.88
C SER A 61 -7.45 -19.44 1.78
N GLY A 62 -6.39 -19.66 1.02
CA GLY A 62 -6.10 -18.82 -0.13
C GLY A 62 -5.49 -17.48 0.26
N SER A 63 -5.54 -16.54 -0.68
CA SER A 63 -4.86 -15.26 -0.50
C SER A 63 -5.52 -14.35 0.52
N PHE A 64 -6.84 -14.40 0.62
CA PHE A 64 -7.59 -13.48 1.48
C PHE A 64 -8.31 -14.27 2.57
N ARG A 65 -8.12 -13.86 3.81
CA ARG A 65 -8.50 -14.71 4.94
C ARG A 65 -9.11 -13.98 6.12
N GLY A 66 -10.08 -14.64 6.75
CA GLY A 66 -10.62 -14.22 8.02
C GLY A 66 -11.68 -13.15 7.90
N LEU A 67 -12.14 -12.65 9.04
CA LEU A 67 -13.23 -11.69 9.07
C LEU A 67 -12.93 -10.44 8.26
N GLY A 68 -11.66 -10.04 8.21
CA GLY A 68 -11.26 -8.88 7.42
C GLY A 68 -10.85 -9.18 5.99
N GLN A 69 -10.79 -10.47 5.64
CA GLN A 69 -10.36 -10.89 4.32
C GLN A 69 -9.06 -10.19 3.93
N PHE A 70 -8.13 -10.23 4.86
CA PHE A 70 -6.79 -9.67 4.65
C PHE A 70 -5.95 -10.59 3.77
N ASN A 71 -5.05 -10.00 2.99
CA ASN A 71 -3.94 -10.75 2.45
C ASN A 71 -2.71 -10.51 3.31
N ARG A 72 -1.65 -11.29 3.07
CA ARG A 72 -0.49 -11.26 3.96
C ARG A 72 0.22 -9.91 3.90
N GLN A 73 0.30 -9.32 2.71
CA GLN A 73 1.03 -8.07 2.57
CA GLN A 73 1.01 -8.07 2.54
C GLN A 73 0.35 -6.94 3.35
N THR A 74 -0.98 -6.92 3.34
CA THR A 74 -1.70 -5.89 4.09
C THR A 74 -1.53 -6.10 5.58
N TRP A 75 -1.67 -7.35 6.00
CA TRP A 75 -1.48 -7.72 7.41
C TRP A 75 -0.07 -7.35 7.89
N ASP A 76 0.94 -7.71 7.10
CA ASP A 76 2.32 -7.46 7.48
C ASP A 76 2.61 -5.97 7.52
N GLY A 77 1.93 -5.20 6.68
CA GLY A 77 2.03 -3.76 6.72
C GLY A 77 1.68 -3.18 8.09
N LEU A 78 0.62 -3.72 8.70
CA LEU A 78 0.21 -3.27 10.03
C LEU A 78 1.25 -3.63 11.07
N ARG A 79 1.82 -4.83 10.95
CA ARG A 79 2.87 -5.24 11.88
C ARG A 79 4.08 -4.34 11.75
N ARG A 80 4.38 -3.92 10.51
CA ARG A 80 5.51 -3.05 10.27
C ARG A 80 5.32 -1.69 10.95
N LEU A 81 4.07 -1.27 11.05
CA LEU A 81 3.75 0.00 11.71
C LEU A 81 3.89 -0.11 13.22
N GLY A 82 4.01 -1.33 13.73
CA GLY A 82 4.21 -1.54 15.15
C GLY A 82 3.00 -2.16 15.84
N ARG A 83 1.99 -2.54 15.07
CA ARG A 83 0.80 -3.14 15.65
C ARG A 83 1.13 -4.55 16.13
N ASN A 84 0.70 -4.87 17.35
CA ASN A 84 0.95 -6.19 17.92
C ASN A 84 -0.06 -7.20 17.39
N LEU A 85 0.28 -7.82 16.27
CA LEU A 85 -0.54 -8.88 15.69
C LEU A 85 0.29 -10.14 15.55
N PRO A 86 -0.36 -11.31 15.65
CA PRO A 86 0.34 -12.55 15.30
C PRO A 86 0.66 -12.57 13.81
N ALA A 87 1.37 -13.60 13.35
CA ALA A 87 1.62 -13.77 11.93
C ALA A 87 0.30 -13.89 11.19
N PHE A 88 0.29 -13.44 9.95
CA PHE A 88 -0.92 -13.42 9.13
C PHE A 88 -1.69 -14.74 9.18
N GLU A 89 -0.99 -15.84 8.93
CA GLU A 89 -1.63 -17.13 8.79
C GLU A 89 -2.30 -17.57 10.09
N GLU A 90 -1.77 -17.15 11.23
CA GLU A 90 -2.35 -17.52 12.51
C GLU A 90 -3.46 -16.53 12.90
N GLY A 91 -3.14 -15.24 12.85
CA GLY A 91 -4.08 -14.22 13.29
C GLY A 91 -5.33 -14.10 12.43
N SER A 92 -5.20 -14.32 11.13
CA SER A 92 -6.34 -14.17 10.23
C SER A 92 -7.41 -15.24 10.49
N ALA A 93 -7.06 -16.31 11.19
CA ALA A 93 -8.04 -17.34 11.54
C ALA A 93 -8.60 -17.14 12.95
N GLN A 94 -8.18 -16.06 13.60
CA GLN A 94 -8.58 -15.78 14.98
C GLN A 94 -9.55 -14.60 15.03
N LEU A 95 -10.43 -14.62 16.02
CA LEU A 95 -11.41 -13.56 16.17
C LEU A 95 -10.77 -12.25 16.57
N ASN A 96 -10.12 -12.22 17.72
CA ASN A 96 -9.61 -10.96 18.25
C ASN A 96 -8.57 -10.33 17.34
N ALA A 97 -7.58 -11.10 16.89
CA ALA A 97 -6.52 -10.54 16.05
C ALA A 97 -7.10 -9.95 14.78
N SER A 98 -8.05 -10.64 14.15
CA SER A 98 -8.64 -10.12 12.92
C SER A 98 -9.42 -8.84 13.17
N LEU A 99 -10.08 -8.74 14.32
CA LEU A 99 -10.85 -7.53 14.63
C LEU A 99 -9.90 -6.36 14.93
N TYR A 100 -8.81 -6.62 15.64
CA TYR A 100 -7.79 -5.59 15.84
C TYR A 100 -7.29 -5.10 14.48
N ALA A 101 -6.96 -6.04 13.59
CA ALA A 101 -6.39 -5.69 12.29
C ALA A 101 -7.36 -4.83 11.48
N ILE A 102 -8.64 -5.18 11.46
CA ILE A 102 -9.64 -4.39 10.74
C ILE A 102 -9.61 -2.95 11.24
N GLY A 103 -9.56 -2.78 12.55
CA GLY A 103 -9.55 -1.47 13.15
C GLY A 103 -8.25 -0.72 12.94
N PHE A 104 -7.12 -1.39 13.08
CA PHE A 104 -5.84 -0.74 12.84
C PHE A 104 -5.77 -0.24 11.39
N LEU A 105 -6.30 -1.02 10.47
CA LEU A 105 -6.27 -0.66 9.06
C LEU A 105 -7.20 0.54 8.83
N TYR A 106 -8.37 0.55 9.43
CA TYR A 106 -9.24 1.71 9.37
C TYR A 106 -8.49 2.97 9.81
N LEU A 107 -7.78 2.89 10.92
CA LEU A 107 -7.06 4.04 11.45
C LEU A 107 -5.99 4.52 10.49
N GLU A 108 -5.24 3.61 9.90
CA GLU A 108 -4.22 3.98 8.94
C GLU A 108 -4.81 4.57 7.68
N ASN A 109 -5.87 3.97 7.19
CA ASN A 109 -6.50 4.45 5.98
C ASN A 109 -7.18 5.80 6.18
N LYS A 110 -7.68 6.04 7.39
CA LYS A 110 -8.25 7.34 7.73
C LYS A 110 -7.19 8.42 7.58
N ARG A 111 -5.99 8.15 8.09
CA ARG A 111 -4.89 9.11 7.98
C ARG A 111 -4.52 9.33 6.52
N ALA A 112 -4.46 8.25 5.75
CA ALA A 112 -4.11 8.38 4.33
C ALA A 112 -5.16 9.19 3.57
N TYR A 113 -6.44 8.94 3.85
CA TYR A 113 -7.53 9.65 3.18
C TYR A 113 -7.47 11.14 3.52
N GLU A 114 -7.33 11.43 4.80
CA GLU A 114 -7.33 12.82 5.25
C GLU A 114 -6.11 13.60 4.77
N ALA A 115 -4.99 12.91 4.54
CA ALA A 115 -3.80 13.58 4.04
C ALA A 115 -3.92 13.96 2.56
N SER A 116 -4.62 13.14 1.79
CA SER A 116 -4.75 13.40 0.35
C SER A 116 -5.93 14.32 0.05
N PHE A 117 -6.96 14.26 0.89
CA PHE A 117 -8.19 15.01 0.68
C PHE A 117 -8.49 15.83 1.92
N LYS A 118 -7.77 16.94 2.04
CA LYS A 118 -7.83 17.75 3.24
C LYS A 118 -9.22 18.32 3.42
N GLY A 119 -9.73 18.22 4.63
CA GLY A 119 -11.02 18.78 4.98
C GLY A 119 -12.21 17.88 4.69
N ARG A 120 -11.94 16.67 4.17
CA ARG A 120 -13.01 15.74 3.86
C ARG A 120 -13.18 14.65 4.90
N VAL A 121 -14.35 14.03 4.90
CA VAL A 121 -14.74 13.08 5.93
C VAL A 121 -14.57 11.63 5.46
N PHE A 122 -13.87 10.84 6.26
CA PHE A 122 -13.65 9.42 6.01
C PHE A 122 -14.86 8.64 6.48
N THR A 123 -15.79 8.41 5.57
CA THR A 123 -17.03 7.70 5.89
C THR A 123 -16.80 6.19 5.86
N HIS A 124 -17.79 5.43 6.33
CA HIS A 124 -17.67 3.96 6.37
C HIS A 124 -17.51 3.37 5.00
N GLU A 125 -18.25 3.86 4.02
CA GLU A 125 -18.11 3.29 2.68
C GLU A 125 -16.75 3.65 2.05
N ILE A 126 -16.25 4.86 2.30
CA ILE A 126 -14.90 5.19 1.87
C ILE A 126 -13.89 4.30 2.59
N ALA A 127 -14.08 4.09 3.89
CA ALA A 127 -13.17 3.22 4.64
C ALA A 127 -13.17 1.81 4.07
N TYR A 128 -14.33 1.33 3.63
CA TYR A 128 -14.41 -0.01 3.05
C TYR A 128 -13.69 -0.08 1.69
N LEU A 129 -13.89 0.95 0.87
CA LEU A 129 -13.12 1.07 -0.37
C LEU A 129 -11.62 0.97 -0.10
N TYR A 130 -11.14 1.70 0.90
CA TYR A 130 -9.73 1.66 1.27
C TYR A 130 -9.33 0.27 1.76
N HIS A 131 -10.18 -0.34 2.56
CA HIS A 131 -9.94 -1.68 3.09
C HIS A 131 -9.76 -2.70 1.97
N ASN A 132 -10.68 -2.67 1.01
CA ASN A 132 -10.71 -3.66 -0.06
C ASN A 132 -9.62 -3.45 -1.11
N GLN A 133 -9.47 -2.20 -1.57
CA GLN A 133 -8.56 -1.92 -2.67
C GLN A 133 -7.14 -1.58 -2.24
N GLY A 134 -6.97 -1.23 -0.97
CA GLY A 134 -5.72 -0.67 -0.50
C GLY A 134 -5.74 0.82 -0.71
N ALA A 135 -5.02 1.56 0.12
CA ALA A 135 -5.09 3.01 0.05
C ALA A 135 -4.66 3.56 -1.32
N PRO A 136 -3.55 3.06 -1.89
CA PRO A 136 -3.17 3.60 -3.20
C PRO A 136 -4.27 3.45 -4.26
N ALA A 137 -4.79 2.24 -4.40
CA ALA A 137 -5.81 1.96 -5.40
C ALA A 137 -7.15 2.63 -5.07
N ALA A 138 -7.45 2.78 -3.79
CA ALA A 138 -8.69 3.43 -3.40
C ALA A 138 -8.66 4.88 -3.82
N GLU A 139 -7.54 5.56 -3.56
CA GLU A 139 -7.41 6.94 -3.98
C GLU A 139 -7.54 7.05 -5.50
N GLN A 140 -6.96 6.08 -6.22
CA GLN A 140 -7.07 6.04 -7.67
C GLN A 140 -8.53 5.93 -8.14
N TYR A 141 -9.33 5.11 -7.47
CA TYR A 141 -10.73 4.96 -7.85
C TYR A 141 -11.51 6.24 -7.58
N LEU A 142 -11.26 6.86 -6.43
CA LEU A 142 -11.94 8.11 -6.10
C LEU A 142 -11.67 9.20 -7.12
N THR A 143 -10.42 9.29 -7.58
CA THR A 143 -10.04 10.32 -8.54
C THR A 143 -10.44 9.95 -9.97
N SER A 144 -10.30 8.68 -10.34
CA SER A 144 -10.45 8.28 -11.75
C SER A 144 -11.79 7.59 -12.05
N GLY A 145 -12.37 6.93 -11.05
CA GLY A 145 -13.61 6.20 -11.26
C GLY A 145 -13.41 4.80 -11.81
N ARG A 146 -12.16 4.37 -11.91
CA ARG A 146 -11.81 3.04 -12.37
C ARG A 146 -11.14 2.25 -11.26
N LEU A 147 -11.62 1.03 -11.00
CA LEU A 147 -11.03 0.17 -9.98
C LEU A 147 -9.76 -0.50 -10.48
N VAL A 148 -8.71 -0.43 -9.67
CA VAL A 148 -7.46 -1.10 -9.99
C VAL A 148 -7.61 -2.62 -9.88
N TYR A 149 -8.42 -3.05 -8.93
CA TYR A 149 -8.69 -4.47 -8.70
C TYR A 149 -10.20 -4.69 -8.81
N PRO A 150 -10.71 -4.78 -10.06
CA PRO A 150 -12.16 -4.72 -10.33
C PRO A 150 -12.95 -6.00 -10.05
N LYS A 151 -12.27 -7.11 -9.80
CA LYS A 151 -12.96 -8.38 -9.60
C LYS A 151 -13.48 -8.50 -8.17
N GLN A 152 -14.56 -7.76 -7.90
CA GLN A 152 -15.17 -7.74 -6.56
C GLN A 152 -16.65 -8.06 -6.68
N SER A 153 -17.29 -8.35 -5.55
CA SER A 153 -18.70 -8.70 -5.50
C SER A 153 -19.57 -7.51 -5.87
N GLU A 154 -20.83 -7.77 -6.19
CA GLU A 154 -21.77 -6.69 -6.51
C GLU A 154 -22.01 -5.77 -5.31
N ALA A 155 -22.08 -6.35 -4.12
CA ALA A 155 -22.27 -5.56 -2.91
C ALA A 155 -21.08 -4.62 -2.71
N ALA A 156 -19.87 -5.14 -2.96
CA ALA A 156 -18.66 -4.35 -2.80
C ALA A 156 -18.64 -3.20 -3.80
N VAL A 157 -18.93 -3.51 -5.05
CA VAL A 157 -18.95 -2.50 -6.10
C VAL A 157 -19.99 -1.42 -5.81
N ALA A 158 -21.14 -1.81 -5.26
CA ALA A 158 -22.17 -0.86 -4.87
C ALA A 158 -21.65 0.06 -3.77
N ALA A 159 -20.95 -0.52 -2.81
CA ALA A 159 -20.41 0.26 -1.71
C ALA A 159 -19.38 1.26 -2.25
N PHE A 160 -18.57 0.84 -3.22
CA PHE A 160 -17.55 1.73 -3.78
C PHE A 160 -18.19 2.89 -4.52
N ALA A 161 -19.25 2.63 -5.25
CA ALA A 161 -19.95 3.69 -5.97
C ALA A 161 -20.55 4.70 -4.99
N ALA A 162 -21.12 4.21 -3.90
CA ALA A 162 -21.64 5.09 -2.85
C ALA A 162 -20.51 5.90 -2.24
N ALA A 163 -19.37 5.24 -2.01
CA ALA A 163 -18.21 5.90 -1.43
C ALA A 163 -17.76 7.07 -2.29
N ARG A 164 -17.69 6.87 -3.60
CA ARG A 164 -17.22 7.93 -4.48
C ARG A 164 -18.22 9.09 -4.51
N ASN A 165 -19.51 8.76 -4.46
CA ASN A 165 -20.53 9.81 -4.41
CA ASN A 165 -20.57 9.77 -4.38
C ASN A 165 -20.41 10.63 -3.12
N GLN A 166 -20.16 9.95 -2.01
CA GLN A 166 -20.01 10.63 -0.73
C GLN A 166 -18.77 11.50 -0.73
N HIS A 167 -17.72 11.00 -1.39
CA HIS A 167 -16.45 11.70 -1.48
C HIS A 167 -16.57 13.00 -2.24
N VAL A 168 -17.22 12.94 -3.40
CA VAL A 168 -17.25 14.08 -4.32
C VAL A 168 -18.20 15.18 -3.85
N LYS A 169 -19.34 14.76 -3.29
CA LYS A 169 -20.38 15.71 -2.89
C LYS A 169 -20.02 16.37 -1.56
N GLU A 170 -20.31 17.66 -1.44
CA GLU A 170 -19.92 18.41 -0.25
C GLU A 170 -20.76 18.07 0.98
N SER A 171 -22.02 17.71 0.76
CA SER A 171 -22.94 17.47 1.86
C SER A 171 -23.96 16.40 1.48
N TRP A 172 -24.70 15.93 2.47
CA TRP A 172 -25.85 15.08 2.22
C TRP A 172 -26.88 15.88 1.43
N ALA A 173 -27.68 15.19 0.63
CA ALA A 173 -28.52 15.91 -0.33
C ALA A 173 -29.46 14.98 -1.09
N SER B 14 5.24 20.34 -17.07
CA SER B 14 6.17 21.11 -16.26
C SER B 14 7.41 20.27 -15.93
N ARG B 15 8.57 20.82 -16.27
CA ARG B 15 9.82 20.06 -16.28
C ARG B 15 10.87 20.71 -15.40
N VAL B 16 11.77 19.87 -14.88
CA VAL B 16 12.90 20.36 -14.11
C VAL B 16 14.16 19.62 -14.53
N ARG B 17 15.27 20.35 -14.56
CA ARG B 17 16.54 19.78 -14.97
CA ARG B 17 16.55 19.78 -14.98
C ARG B 17 17.56 19.91 -13.84
N PHE B 18 18.33 18.86 -13.63
CA PHE B 18 19.38 18.86 -12.63
C PHE B 18 20.68 18.47 -13.31
N THR B 19 21.77 19.12 -12.93
CA THR B 19 23.04 18.84 -13.55
C THR B 19 23.69 17.60 -12.91
N THR B 20 24.54 16.94 -13.69
CA THR B 20 25.27 15.77 -13.20
C THR B 20 26.00 16.08 -11.90
N ALA B 21 26.73 17.20 -11.85
CA ALA B 21 27.50 17.56 -10.66
C ALA B 21 26.62 17.79 -9.42
N GLU B 22 25.46 18.40 -9.63
CA GLU B 22 24.50 18.68 -8.56
C GLU B 22 24.04 17.38 -7.93
N VAL B 23 23.67 16.45 -8.81
CA VAL B 23 23.10 15.19 -8.36
C VAL B 23 24.17 14.35 -7.68
N ASP B 24 25.36 14.26 -8.29
CA ASP B 24 26.45 13.49 -7.70
C ASP B 24 26.79 13.99 -6.30
N SER B 25 26.90 15.31 -6.15
CA SER B 25 27.27 15.91 -4.87
CA SER B 25 27.25 15.92 -4.88
C SER B 25 26.20 15.64 -3.81
N ALA B 26 24.94 15.83 -4.17
CA ALA B 26 23.86 15.62 -3.22
C ALA B 26 23.74 14.14 -2.84
N VAL B 27 23.86 13.25 -3.82
CA VAL B 27 23.82 11.82 -3.57
C VAL B 27 24.94 11.42 -2.61
N ALA B 28 26.14 11.94 -2.82
CA ALA B 28 27.27 11.61 -1.96
C ALA B 28 26.98 11.97 -0.50
N ARG B 29 26.48 13.19 -0.28
CA ARG B 29 26.20 13.67 1.07
C ARG B 29 25.05 12.91 1.72
N ILE B 30 23.95 12.79 0.99
CA ILE B 30 22.73 12.22 1.56
C ILE B 30 22.84 10.72 1.80
N SER B 31 23.41 9.99 0.86
CA SER B 31 23.57 8.54 1.02
C SER B 31 24.34 8.23 2.30
N GLN B 32 25.39 8.99 2.58
CA GLN B 32 26.23 8.76 3.73
C GLN B 32 25.46 9.08 5.01
N LYS B 33 24.69 10.17 4.97
CA LYS B 33 23.94 10.63 6.12
C LYS B 33 22.88 9.64 6.58
N ILE B 34 22.12 9.09 5.64
CA ILE B 34 20.97 8.26 6.00
C ILE B 34 21.21 6.74 5.84
N GLY B 35 22.40 6.37 5.38
CA GLY B 35 22.77 4.97 5.32
C GLY B 35 22.10 4.19 4.21
N VAL B 36 22.01 4.80 3.04
CA VAL B 36 21.52 4.14 1.85
C VAL B 36 22.65 4.18 0.82
N PRO B 37 22.94 3.04 0.17
CA PRO B 37 24.10 3.03 -0.73
C PRO B 37 23.98 4.04 -1.86
N ALA B 38 25.05 4.79 -2.12
CA ALA B 38 25.07 5.69 -3.26
C ALA B 38 24.78 4.94 -4.55
N SER B 39 25.22 3.68 -4.63
CA SER B 39 25.03 2.90 -5.84
C SER B 39 23.55 2.63 -6.13
N TYR B 40 22.70 2.68 -5.11
CA TYR B 40 21.27 2.55 -5.35
C TYR B 40 20.75 3.77 -6.08
N TYR B 41 21.15 4.96 -5.63
CA TYR B 41 20.76 6.19 -6.30
C TYR B 41 21.27 6.18 -7.73
N GLN B 42 22.48 5.69 -7.93
CA GLN B 42 23.09 5.66 -9.25
C GLN B 42 22.34 4.71 -10.19
N PHE B 43 21.71 3.70 -9.62
CA PHE B 43 20.87 2.76 -10.38
C PHE B 43 19.50 3.37 -10.69
N LEU B 44 18.85 3.93 -9.67
CA LEU B 44 17.47 4.37 -9.77
C LEU B 44 17.30 5.64 -10.61
N ILE B 45 18.18 6.61 -10.42
CA ILE B 45 17.96 7.93 -11.00
C ILE B 45 17.86 7.90 -12.54
N PRO B 46 18.78 7.19 -13.23
CA PRO B 46 18.66 7.13 -14.69
C PRO B 46 17.46 6.35 -15.21
N ILE B 47 16.84 5.52 -14.37
CA ILE B 47 15.66 4.78 -14.79
C ILE B 47 14.41 5.64 -14.62
N GLU B 48 14.31 6.33 -13.49
CA GLU B 48 13.15 7.16 -13.18
C GLU B 48 13.10 8.44 -13.99
N ASN B 49 14.25 8.91 -14.42
CA ASN B 49 14.37 10.21 -15.05
C ASN B 49 15.02 10.12 -16.39
N PHE B 50 14.99 11.20 -17.14
CA PHE B 50 15.59 11.21 -18.46
C PHE B 50 17.03 11.63 -18.37
N VAL B 51 17.92 10.79 -18.92
CA VAL B 51 19.32 11.14 -19.07
C VAL B 51 19.46 12.07 -20.26
N VAL B 52 19.81 13.33 -19.99
CA VAL B 52 19.95 14.33 -21.03
C VAL B 52 21.36 14.87 -21.02
N ALA B 53 21.71 15.69 -22.00
CA ALA B 53 23.04 16.28 -22.07
C ALA B 53 23.35 17.03 -20.78
N GLY B 54 24.37 16.57 -20.05
CA GLY B 54 24.83 17.25 -18.86
C GLY B 54 24.05 17.01 -17.57
N GLY B 55 23.06 16.12 -17.61
CA GLY B 55 22.34 15.82 -16.38
C GLY B 55 21.08 15.00 -16.56
N PHE B 56 20.05 15.38 -15.80
CA PHE B 56 18.81 14.64 -15.76
C PHE B 56 17.63 15.59 -15.94
N GLU B 57 16.59 15.11 -16.60
CA GLU B 57 15.36 15.88 -16.75
C GLU B 57 14.23 15.08 -16.15
N THR B 58 13.32 15.76 -15.48
CA THR B 58 12.26 15.14 -14.69
CA THR B 58 12.21 15.07 -14.85
C THR B 58 10.93 15.86 -14.90
N THR B 59 9.82 15.15 -14.77
CA THR B 59 8.51 15.77 -14.83
C THR B 59 8.09 15.98 -13.39
N VAL B 60 7.34 17.05 -13.13
CA VAL B 60 6.85 17.33 -11.78
C VAL B 60 5.34 17.54 -11.75
N SER B 61 4.62 16.65 -12.44
CA SER B 61 3.16 16.74 -12.55
C SER B 61 2.47 15.51 -11.98
N GLY B 62 1.31 15.73 -11.36
CA GLY B 62 0.40 14.65 -11.05
C GLY B 62 0.93 13.63 -10.08
N SER B 63 0.75 12.36 -10.42
CA SER B 63 1.09 11.24 -9.55
C SER B 63 2.53 10.76 -9.74
N PHE B 64 3.30 11.47 -10.54
CA PHE B 64 4.68 11.08 -10.81
C PHE B 64 5.55 12.32 -10.78
N ARG B 65 6.05 12.70 -9.62
CA ARG B 65 6.81 13.95 -9.51
C ARG B 65 8.26 13.81 -9.11
N GLY B 66 9.12 14.41 -9.91
CA GLY B 66 10.51 14.64 -9.53
C GLY B 66 11.40 13.45 -9.68
N LEU B 67 12.61 13.56 -9.12
CA LEU B 67 13.64 12.55 -9.26
C LEU B 67 13.20 11.17 -8.82
N GLY B 68 12.32 11.12 -7.82
CA GLY B 68 11.79 9.84 -7.36
C GLY B 68 10.44 9.43 -7.93
N GLN B 69 9.89 10.27 -8.79
CA GLN B 69 8.59 10.02 -9.40
C GLN B 69 7.56 9.62 -8.35
N PHE B 70 7.52 10.41 -7.29
CA PHE B 70 6.63 10.17 -6.18
C PHE B 70 5.21 10.62 -6.45
N ASN B 71 4.26 9.87 -5.89
CA ASN B 71 2.91 10.36 -5.76
C ASN B 71 2.67 10.86 -4.35
N ARG B 72 1.57 11.58 -4.17
CA ARG B 72 1.26 12.22 -2.92
C ARG B 72 1.15 11.23 -1.76
N GLN B 73 0.48 10.11 -2.01
CA GLN B 73 0.23 9.16 -0.93
C GLN B 73 1.52 8.55 -0.40
N THR B 74 2.45 8.24 -1.31
CA THR B 74 3.72 7.67 -0.89
C THR B 74 4.53 8.68 -0.08
N TRP B 75 4.58 9.90 -0.58
CA TRP B 75 5.29 10.97 0.11
C TRP B 75 4.71 11.21 1.51
N ASP B 76 3.39 11.35 1.60
CA ASP B 76 2.74 11.56 2.88
C ASP B 76 2.89 10.35 3.80
N GLY B 77 2.97 9.15 3.23
CA GLY B 77 3.22 7.96 4.02
C GLY B 77 4.56 8.01 4.73
N LEU B 78 5.57 8.57 4.07
CA LEU B 78 6.88 8.70 4.70
C LEU B 78 6.82 9.68 5.87
N ARG B 79 6.08 10.78 5.68
CA ARG B 79 5.92 11.74 6.77
C ARG B 79 5.19 11.09 7.94
N ARG B 80 4.21 10.25 7.64
CA ARG B 80 3.45 9.55 8.66
C ARG B 80 4.34 8.64 9.51
N LEU B 81 5.38 8.08 8.89
CA LEU B 81 6.35 7.24 9.60
C LEU B 81 7.27 8.04 10.52
N GLY B 82 7.23 9.36 10.38
CA GLY B 82 8.04 10.22 11.21
C GLY B 82 9.18 10.89 10.48
N ARG B 83 9.23 10.73 9.16
CA ARG B 83 10.30 11.37 8.41
C ARG B 83 10.00 12.85 8.28
N ASN B 84 11.03 13.67 8.46
CA ASN B 84 10.92 15.10 8.26
C ASN B 84 11.15 15.38 6.79
N LEU B 85 10.05 15.68 6.10
CA LEU B 85 10.07 16.08 4.70
C LEU B 85 9.15 17.27 4.60
N PRO B 86 9.38 18.13 3.61
CA PRO B 86 8.45 19.22 3.37
C PRO B 86 7.18 18.71 2.71
N ALA B 87 6.23 19.60 2.45
CA ALA B 87 5.02 19.23 1.73
C ALA B 87 5.37 18.60 0.39
N PHE B 88 4.57 17.63 -0.03
CA PHE B 88 4.74 16.94 -1.30
C PHE B 88 4.95 17.91 -2.46
N GLU B 89 4.10 18.92 -2.56
CA GLU B 89 4.17 19.86 -3.68
C GLU B 89 5.53 20.53 -3.77
N GLU B 90 6.11 20.83 -2.62
CA GLU B 90 7.39 21.51 -2.55
C GLU B 90 8.53 20.53 -2.81
N GLY B 91 8.61 19.50 -1.99
CA GLY B 91 9.80 18.68 -1.99
C GLY B 91 9.97 17.79 -3.19
N SER B 92 8.87 17.36 -3.78
CA SER B 92 8.95 16.43 -4.89
C SER B 92 9.58 17.09 -6.12
N ALA B 93 9.61 18.42 -6.14
CA ALA B 93 10.20 19.16 -7.24
C ALA B 93 11.65 19.56 -6.95
N GLN B 94 12.13 19.25 -5.75
CA GLN B 94 13.46 19.67 -5.31
C GLN B 94 14.44 18.51 -5.28
N LEU B 95 15.71 18.84 -5.44
CA LEU B 95 16.78 17.86 -5.46
C LEU B 95 16.94 17.20 -4.10
N ASN B 96 17.22 17.99 -3.06
CA ASN B 96 17.58 17.41 -1.77
C ASN B 96 16.43 16.63 -1.13
N ALA B 97 15.25 17.24 -1.03
CA ALA B 97 14.13 16.57 -0.38
C ALA B 97 13.81 15.28 -1.10
N SER B 98 13.87 15.29 -2.43
CA SER B 98 13.54 14.09 -3.20
C SER B 98 14.56 12.99 -2.97
N LEU B 99 15.84 13.35 -2.87
CA LEU B 99 16.88 12.35 -2.62
C LEU B 99 16.71 11.75 -1.23
N TYR B 100 16.39 12.57 -0.23
CA TYR B 100 16.09 12.02 1.09
C TYR B 100 14.91 11.06 0.99
N ALA B 101 13.84 11.47 0.32
CA ALA B 101 12.65 10.64 0.24
C ALA B 101 12.92 9.30 -0.45
N ILE B 102 13.70 9.31 -1.53
CA ILE B 102 14.08 8.06 -2.20
C ILE B 102 14.72 7.11 -1.19
N GLY B 103 15.61 7.65 -0.38
CA GLY B 103 16.35 6.88 0.60
C GLY B 103 15.46 6.39 1.72
N PHE B 104 14.58 7.25 2.23
CA PHE B 104 13.66 6.86 3.27
C PHE B 104 12.76 5.72 2.78
N LEU B 105 12.34 5.80 1.52
CA LEU B 105 11.47 4.78 0.97
C LEU B 105 12.24 3.47 0.82
N TYR B 106 13.49 3.54 0.36
CA TYR B 106 14.34 2.37 0.29
C TYR B 106 14.42 1.68 1.65
N LEU B 107 14.61 2.47 2.71
CA LEU B 107 14.76 1.89 4.04
C LEU B 107 13.48 1.19 4.49
N GLU B 108 12.33 1.79 4.19
CA GLU B 108 11.06 1.17 4.55
C GLU B 108 10.80 -0.09 3.76
N ASN B 109 11.09 -0.03 2.47
CA ASN B 109 10.91 -1.19 1.60
C ASN B 109 11.86 -2.34 1.95
N LYS B 110 13.04 -2.00 2.44
CA LYS B 110 14.01 -3.00 2.87
C LYS B 110 13.40 -3.77 4.03
N ARG B 111 12.83 -3.05 4.98
CA ARG B 111 12.15 -3.68 6.11
C ARG B 111 11.02 -4.57 5.63
N ALA B 112 10.26 -4.10 4.65
CA ALA B 112 9.11 -4.84 4.15
C ALA B 112 9.55 -6.15 3.50
N TYR B 113 10.55 -6.05 2.64
CA TYR B 113 11.01 -7.22 1.92
C TYR B 113 11.61 -8.24 2.86
N GLU B 114 12.42 -7.78 3.81
CA GLU B 114 13.12 -8.70 4.70
C GLU B 114 12.18 -9.35 5.69
N ALA B 115 11.06 -8.67 5.99
CA ALA B 115 10.05 -9.26 6.87
C ALA B 115 9.16 -10.26 6.12
N SER B 116 8.88 -9.96 4.84
CA SER B 116 8.05 -10.83 4.03
C SER B 116 8.81 -12.09 3.61
N PHE B 117 10.09 -11.92 3.29
CA PHE B 117 10.89 -13.01 2.76
C PHE B 117 12.17 -13.15 3.58
N LYS B 118 12.07 -13.93 4.65
CA LYS B 118 13.16 -14.09 5.61
C LYS B 118 14.46 -14.48 4.93
N GLY B 119 15.52 -13.73 5.22
CA GLY B 119 16.85 -14.08 4.79
C GLY B 119 17.25 -13.63 3.40
N ARG B 120 16.29 -13.13 2.61
CA ARG B 120 16.57 -12.79 1.21
C ARG B 120 17.24 -11.43 1.08
N VAL B 121 17.98 -11.25 -0.01
CA VAL B 121 18.76 -10.05 -0.20
C VAL B 121 17.96 -8.97 -0.90
N PHE B 122 17.89 -7.81 -0.27
CA PHE B 122 17.23 -6.63 -0.83
C PHE B 122 18.20 -5.96 -1.79
N THR B 123 18.22 -6.44 -3.02
CA THR B 123 19.12 -5.92 -4.06
C THR B 123 18.59 -4.58 -4.58
N HIS B 124 19.42 -3.90 -5.36
CA HIS B 124 18.97 -2.64 -5.93
C HIS B 124 17.78 -2.81 -6.86
N GLU B 125 17.76 -3.92 -7.59
CA GLU B 125 16.67 -4.19 -8.50
C GLU B 125 15.37 -4.46 -7.75
N ILE B 126 15.46 -5.23 -6.67
CA ILE B 126 14.29 -5.47 -5.83
C ILE B 126 13.83 -4.16 -5.18
N ALA B 127 14.79 -3.36 -4.72
CA ALA B 127 14.44 -2.07 -4.13
C ALA B 127 13.74 -1.17 -5.14
N TYR B 128 14.21 -1.18 -6.38
CA TYR B 128 13.57 -0.39 -7.42
C TYR B 128 12.17 -0.91 -7.75
N LEU B 129 12.00 -2.23 -7.81
CA LEU B 129 10.68 -2.81 -8.02
C LEU B 129 9.72 -2.31 -6.95
N TYR B 130 10.16 -2.34 -5.69
CA TYR B 130 9.34 -1.84 -4.60
C TYR B 130 9.06 -0.35 -4.73
N HIS B 131 10.08 0.41 -5.10
CA HIS B 131 9.93 1.85 -5.29
C HIS B 131 8.86 2.18 -6.34
N ASN B 132 8.93 1.50 -7.47
CA ASN B 132 8.10 1.82 -8.61
C ASN B 132 6.66 1.31 -8.45
N GLN B 133 6.52 0.06 -8.05
CA GLN B 133 5.21 -0.57 -8.01
C GLN B 133 4.51 -0.37 -6.66
N GLY B 134 5.28 -0.03 -5.64
CA GLY B 134 4.78 -0.05 -4.27
C GLY B 134 4.91 -1.45 -3.70
N ALA B 135 5.05 -1.55 -2.37
CA ALA B 135 5.30 -2.83 -1.74
C ALA B 135 4.23 -3.88 -2.05
N PRO B 136 2.94 -3.50 -1.94
CA PRO B 136 1.92 -4.51 -2.22
C PRO B 136 1.99 -5.06 -3.65
N ALA B 137 2.08 -4.18 -4.65
CA ALA B 137 2.12 -4.63 -6.03
C ALA B 137 3.45 -5.30 -6.35
N ALA B 138 4.52 -4.87 -5.69
CA ALA B 138 5.82 -5.49 -5.90
C ALA B 138 5.79 -6.96 -5.47
N GLU B 139 5.19 -7.22 -4.31
CA GLU B 139 5.08 -8.59 -3.83
C GLU B 139 4.18 -9.40 -4.77
N GLN B 140 3.12 -8.78 -5.26
CA GLN B 140 2.20 -9.46 -6.18
C GLN B 140 2.93 -9.90 -7.45
N TYR B 141 3.82 -9.04 -7.95
CA TYR B 141 4.62 -9.37 -9.12
C TYR B 141 5.60 -10.48 -8.81
N LEU B 142 6.28 -10.39 -7.68
CA LEU B 142 7.22 -11.43 -7.29
C LEU B 142 6.54 -12.81 -7.20
N THR B 143 5.31 -12.85 -6.72
CA THR B 143 4.57 -14.10 -6.59
C THR B 143 3.94 -14.56 -7.92
N SER B 144 3.36 -13.63 -8.67
CA SER B 144 2.53 -13.99 -9.82
C SER B 144 3.22 -13.87 -11.18
N GLY B 145 4.21 -13.00 -11.28
CA GLY B 145 4.89 -12.76 -12.55
C GLY B 145 4.19 -11.74 -13.43
N ARG B 146 3.05 -11.22 -12.97
CA ARG B 146 2.30 -10.22 -13.72
C ARG B 146 2.33 -8.88 -12.98
N LEU B 147 2.76 -7.83 -13.67
CA LEU B 147 2.80 -6.50 -13.09
C LEU B 147 1.40 -5.92 -12.91
N VAL B 148 1.13 -5.38 -11.74
CA VAL B 148 -0.14 -4.70 -11.49
C VAL B 148 -0.20 -3.41 -12.31
N TYR B 149 0.94 -2.73 -12.39
CA TYR B 149 1.05 -1.50 -13.16
C TYR B 149 2.11 -1.69 -14.26
N PRO B 150 1.73 -2.32 -15.38
CA PRO B 150 2.70 -2.80 -16.36
C PRO B 150 3.25 -1.73 -17.31
N LYS B 151 2.59 -0.59 -17.39
CA LYS B 151 2.97 0.44 -18.34
C LYS B 151 4.17 1.24 -17.83
N GLN B 152 5.35 0.64 -17.94
CA GLN B 152 6.58 1.26 -17.51
C GLN B 152 7.61 1.26 -18.66
N SER B 153 8.73 1.93 -18.44
CA SER B 153 9.76 2.05 -19.47
C SER B 153 10.48 0.72 -19.65
N GLU B 154 11.21 0.57 -20.76
CA GLU B 154 11.94 -0.66 -21.02
C GLU B 154 12.99 -0.92 -19.92
N ALA B 155 13.66 0.12 -19.46
CA ALA B 155 14.68 -0.03 -18.43
C ALA B 155 14.05 -0.46 -17.10
N ALA B 156 12.88 0.08 -16.79
CA ALA B 156 12.19 -0.31 -15.57
C ALA B 156 11.75 -1.77 -15.64
N VAL B 157 11.17 -2.16 -16.77
CA VAL B 157 10.72 -3.53 -16.95
C VAL B 157 11.89 -4.50 -16.83
N ALA B 158 13.03 -4.12 -17.38
CA ALA B 158 14.22 -4.95 -17.29
C ALA B 158 14.65 -5.10 -15.84
N ALA B 159 14.60 -4.01 -15.09
CA ALA B 159 14.94 -4.05 -13.67
C ALA B 159 14.00 -4.98 -12.92
N PHE B 160 12.70 -4.89 -13.19
CA PHE B 160 11.72 -5.76 -12.56
C PHE B 160 12.05 -7.22 -12.86
N ALA B 161 12.36 -7.52 -14.11
CA ALA B 161 12.64 -8.90 -14.50
C ALA B 161 13.88 -9.40 -13.77
N ALA B 162 14.89 -8.55 -13.65
CA ALA B 162 16.11 -8.93 -12.93
C ALA B 162 15.80 -9.19 -11.47
N ALA B 163 14.96 -8.34 -10.88
CA ALA B 163 14.56 -8.49 -9.49
C ALA B 163 13.85 -9.82 -9.26
N ARG B 164 12.90 -10.14 -10.14
CA ARG B 164 12.15 -11.37 -9.99
C ARG B 164 13.07 -12.59 -10.17
N ASN B 165 14.03 -12.50 -11.08
CA ASN B 165 15.00 -13.55 -11.28
CA ASN B 165 14.99 -13.56 -11.29
C ASN B 165 15.82 -13.81 -10.03
N GLN B 166 16.22 -12.73 -9.37
CA GLN B 166 17.00 -12.82 -8.13
C GLN B 166 16.14 -13.48 -7.07
N HIS B 167 14.89 -13.05 -7.00
CA HIS B 167 13.96 -13.51 -5.97
C HIS B 167 13.68 -14.99 -6.12
N VAL B 168 13.43 -15.43 -7.34
CA VAL B 168 13.08 -16.82 -7.59
C VAL B 168 14.28 -17.74 -7.37
N LYS B 169 15.47 -17.24 -7.67
CA LYS B 169 16.68 -18.02 -7.46
C LYS B 169 16.80 -18.38 -5.99
N GLU B 170 16.47 -17.41 -5.15
CA GLU B 170 16.51 -17.63 -3.71
C GLU B 170 15.47 -18.66 -3.29
N SER B 171 14.35 -18.72 -3.99
CA SER B 171 13.33 -19.72 -3.65
CA SER B 171 13.32 -19.71 -3.68
C SER B 171 13.77 -21.13 -4.03
N TRP B 172 14.69 -21.24 -4.99
CA TRP B 172 15.21 -22.54 -5.40
C TRP B 172 16.40 -22.97 -4.54
N ALA B 173 16.93 -22.05 -3.74
CA ALA B 173 18.13 -22.32 -2.94
C ALA B 173 17.93 -23.50 -1.98
#